data_4ZYU
#
_entry.id   4ZYU
#
_cell.length_a   75.202
_cell.length_b   75.202
_cell.length_c   100.971
_cell.angle_alpha   90.000
_cell.angle_beta   90.000
_cell.angle_gamma   120.000
#
_symmetry.space_group_name_H-M   'P 32 2 1'
#
loop_
_entity.id
_entity.type
_entity.pdbx_description
1 polymer 'Trifunctional purine biosynthetic protein adenosine-3'
2 non-polymer 'GLYCINAMIDE RIBONUCLEOTIDE'
3 non-polymer 'N-{4-[4-(2-amino-4-oxo-1,4-dihydrothieno[2,3-d]pyrimidin-6-yl)butyl]benzoyl}-L-glutamic acid'
4 water water
#
_entity_poly.entity_id   1
_entity_poly.type   'polypeptide(L)'
_entity_poly.pdbx_seq_one_letter_code
;MARVAVLISGTGSNLQALIDSTREPNSSAQIDIVISNKAAVAGLDKAERAGIPTRVINHKLYKNRVEFDSAIDLVLEEFS
IDIVCLAGFMRILSGPFVQKWNGKMLNIHPSLLPSFKGSNAHEQALETGVTVTGCTVHFVAEDVDAGQIILQEAVPVKRG
DTVATLSERVKLAEHKIFPAALQLVASGTVQLGENGKICWVKEEHHHHHH
;
_entity_poly.pdbx_strand_id   A
#
loop_
_chem_comp.id
_chem_comp.type
_chem_comp.name
_chem_comp.formula
3YA non-polymer 'N-{4-[4-(2-amino-4-oxo-1,4-dihydrothieno[2,3-d]pyrimidin-6-yl)butyl]benzoyl}-L-glutamic acid' 'C22 H24 N4 O6 S'
GAR non-polymer 'GLYCINAMIDE RIBONUCLEOTIDE' 'C7 H13 N2 O8 P -2'
#
# COMPACT_ATOMS: atom_id res chain seq x y z
N ALA A 2 -14.81 -8.39 0.74
CA ALA A 2 -14.04 -7.77 1.81
C ALA A 2 -14.03 -6.27 1.61
N ARG A 3 -14.13 -5.56 2.72
CA ARG A 3 -14.23 -4.10 2.72
C ARG A 3 -12.86 -3.48 2.93
N VAL A 4 -12.48 -2.57 2.05
CA VAL A 4 -11.11 -2.11 1.98
C VAL A 4 -11.01 -0.60 2.23
N ALA A 5 -10.04 -0.20 3.04
CA ALA A 5 -9.63 1.19 3.13
C ALA A 5 -8.31 1.39 2.38
N VAL A 6 -8.17 2.50 1.66
CA VAL A 6 -6.87 2.81 1.03
C VAL A 6 -6.30 4.08 1.63
N LEU A 7 -5.07 4.00 2.12
CA LEU A 7 -4.41 5.16 2.70
C LEU A 7 -3.40 5.71 1.71
N ILE A 8 -3.40 7.04 1.54
CA ILE A 8 -2.55 7.69 0.54
C ILE A 8 -1.87 8.92 1.12
N SER A 9 -0.87 9.42 0.40
CA SER A 9 -0.20 10.67 0.78
C SER A 9 0.02 11.61 -0.40
N GLY A 10 -0.30 11.16 -1.61
CA GLY A 10 0.03 11.94 -2.80
C GLY A 10 -0.75 11.62 -4.07
N THR A 11 -0.01 11.40 -5.16
CA THR A 11 -0.58 11.26 -6.51
C THR A 11 -1.72 10.24 -6.60
N GLY A 12 -1.48 9.03 -6.13
CA GLY A 12 -2.51 8.02 -6.10
C GLY A 12 -2.68 7.23 -7.40
N SER A 13 -1.58 6.96 -8.10
CA SER A 13 -1.69 6.13 -9.29
C SER A 13 -1.99 4.69 -8.87
N ASN A 14 -1.42 4.24 -7.75
CA ASN A 14 -1.74 2.90 -7.23
C ASN A 14 -3.20 2.83 -6.75
N LEU A 15 -3.67 3.89 -6.12
CA LEU A 15 -5.09 3.99 -5.75
C LEU A 15 -5.99 3.78 -6.98
N GLN A 16 -5.67 4.46 -8.07
CA GLN A 16 -6.49 4.34 -9.26
C GLN A 16 -6.49 2.90 -9.81
N ALA A 17 -5.33 2.25 -9.80
CA ALA A 17 -5.26 0.86 -10.24
C ALA A 17 -6.13 -0.05 -9.35
N LEU A 18 -6.12 0.24 -8.06
CA LEU A 18 -6.94 -0.54 -7.11
C LEU A 18 -8.42 -0.26 -7.35
N ILE A 19 -8.78 1.01 -7.58
CA ILE A 19 -10.17 1.35 -7.89
C ILE A 19 -10.65 0.59 -9.13
N ASP A 20 -9.88 0.67 -10.21
CA ASP A 20 -10.20 -0.04 -11.44
C ASP A 20 -10.39 -1.56 -11.22
N SER A 21 -9.46 -2.19 -10.49
N SER A 21 -9.45 -2.20 -10.52
CA SER A 21 -9.51 -3.64 -10.31
CA SER A 21 -9.52 -3.64 -10.31
C SER A 21 -10.64 -4.09 -9.39
C SER A 21 -10.73 -4.04 -9.46
N THR A 22 -11.02 -3.27 -8.42
CA THR A 22 -12.06 -3.67 -7.46
C THR A 22 -13.46 -3.45 -8.02
N ARG A 23 -13.54 -2.83 -9.19
CA ARG A 23 -14.83 -2.65 -9.84
C ARG A 23 -15.13 -3.72 -10.88
N GLU A 24 -14.14 -4.57 -11.16
CA GLU A 24 -14.37 -5.75 -12.01
C GLU A 24 -15.39 -6.64 -11.33
N PRO A 25 -16.27 -7.28 -12.11
CA PRO A 25 -17.35 -8.10 -11.54
C PRO A 25 -16.83 -9.17 -10.58
N ASN A 26 -15.70 -9.80 -10.89
CA ASN A 26 -15.22 -10.88 -10.02
C ASN A 26 -14.34 -10.41 -8.86
N SER A 27 -14.23 -9.10 -8.65
CA SER A 27 -13.46 -8.60 -7.52
C SER A 27 -14.04 -9.01 -6.16
N SER A 28 -13.18 -9.51 -5.27
N SER A 28 -13.19 -9.51 -5.27
CA SER A 28 -13.58 -9.88 -3.93
CA SER A 28 -13.63 -9.87 -3.94
C SER A 28 -13.38 -8.72 -2.96
C SER A 28 -13.38 -8.72 -2.96
N ALA A 29 -12.93 -7.60 -3.49
CA ALA A 29 -12.68 -6.41 -2.69
C ALA A 29 -13.54 -5.22 -3.14
N GLN A 30 -13.96 -4.41 -2.19
CA GLN A 30 -14.64 -3.15 -2.47
C GLN A 30 -13.92 -2.05 -1.69
N ILE A 31 -13.65 -0.92 -2.32
CA ILE A 31 -13.01 0.18 -1.61
C ILE A 31 -14.09 1.09 -1.05
N ASP A 32 -14.15 1.18 0.27
CA ASP A 32 -15.23 1.91 0.92
C ASP A 32 -14.79 3.25 1.51
N ILE A 33 -13.48 3.46 1.60
CA ILE A 33 -12.98 4.72 2.15
C ILE A 33 -11.53 4.94 1.73
N VAL A 34 -11.22 6.18 1.39
CA VAL A 34 -9.85 6.57 1.12
C VAL A 34 -9.41 7.61 2.16
N ILE A 35 -8.32 7.34 2.84
CA ILE A 35 -7.84 8.24 3.89
C ILE A 35 -6.48 8.82 3.54
N SER A 36 -6.35 10.13 3.59
CA SER A 36 -5.08 10.79 3.29
C SER A 36 -4.56 11.52 4.52
N ASN A 37 -3.25 11.49 4.71
CA ASN A 37 -2.65 12.23 5.81
C ASN A 37 -2.33 13.67 5.39
N LYS A 38 -2.37 13.92 4.08
CA LYS A 38 -2.09 15.24 3.52
C LYS A 38 -3.28 15.73 2.69
N ALA A 39 -3.56 17.04 2.77
CA ALA A 39 -4.72 17.59 2.09
C ALA A 39 -4.38 18.08 0.68
N ALA A 40 -5.40 18.22 -0.15
CA ALA A 40 -5.26 18.72 -1.52
C ALA A 40 -4.26 17.91 -2.34
N VAL A 41 -4.26 16.59 -2.16
CA VAL A 41 -3.40 15.73 -2.96
C VAL A 41 -4.22 15.11 -4.09
N ALA A 42 -3.56 14.79 -5.19
CA ALA A 42 -4.25 14.29 -6.39
C ALA A 42 -5.05 13.01 -6.13
N GLY A 43 -4.56 12.17 -5.23
CA GLY A 43 -5.26 10.94 -4.88
C GLY A 43 -6.67 11.17 -4.37
N LEU A 44 -6.92 12.32 -3.75
CA LEU A 44 -8.25 12.63 -3.23
C LEU A 44 -9.23 12.92 -4.36
N ASP A 45 -8.75 13.59 -5.40
CA ASP A 45 -9.55 13.87 -6.58
C ASP A 45 -9.93 12.58 -7.27
N LYS A 46 -9.00 11.63 -7.28
CA LYS A 46 -9.23 10.35 -7.92
C LYS A 46 -10.35 9.61 -7.20
N ALA A 47 -10.35 9.67 -5.87
CA ALA A 47 -11.35 8.96 -5.10
C ALA A 47 -12.72 9.60 -5.30
N GLU A 48 -12.79 10.92 -5.20
CA GLU A 48 -14.06 11.63 -5.36
C GLU A 48 -14.64 11.39 -6.75
N ARG A 49 -13.79 11.45 -7.76
CA ARG A 49 -14.20 11.19 -9.14
C ARG A 49 -14.76 9.77 -9.28
N ALA A 50 -14.34 8.86 -8.41
CA ALA A 50 -14.83 7.49 -8.45
C ALA A 50 -16.02 7.26 -7.52
N GLY A 51 -16.40 8.28 -6.75
CA GLY A 51 -17.55 8.17 -5.88
C GLY A 51 -17.24 7.47 -4.57
N ILE A 52 -15.98 7.54 -4.17
CA ILE A 52 -15.53 6.94 -2.92
C ILE A 52 -15.32 8.02 -1.86
N PRO A 53 -15.89 7.81 -0.66
CA PRO A 53 -15.71 8.73 0.47
C PRO A 53 -14.26 8.96 0.82
N THR A 54 -13.93 10.19 1.20
CA THR A 54 -12.58 10.54 1.62
C THR A 54 -12.58 11.20 2.98
N ARG A 55 -11.52 10.94 3.75
N ARG A 55 -11.53 10.97 3.76
CA ARG A 55 -11.28 11.63 5.00
CA ARG A 55 -11.36 11.68 5.03
C ARG A 55 -9.83 12.05 5.05
C ARG A 55 -9.87 12.02 5.23
N VAL A 56 -9.59 13.30 5.46
CA VAL A 56 -8.22 13.74 5.69
C VAL A 56 -7.94 13.72 7.19
N ILE A 57 -6.84 13.07 7.57
CA ILE A 57 -6.43 13.05 8.98
C ILE A 57 -5.01 13.56 9.05
N ASN A 58 -4.86 14.86 9.28
CA ASN A 58 -3.53 15.46 9.25
C ASN A 58 -2.77 15.11 10.52
N HIS A 59 -1.68 14.36 10.35
CA HIS A 59 -0.84 13.92 11.47
C HIS A 59 -0.19 15.04 12.26
N LYS A 60 -0.35 16.27 11.80
CA LYS A 60 0.27 17.41 12.50
C LYS A 60 -0.72 18.15 13.37
N LEU A 61 -1.72 17.44 13.90
CA LEU A 61 -2.60 18.02 14.91
C LEU A 61 -2.68 17.08 16.11
N TYR A 62 -2.00 15.94 16.00
CA TYR A 62 -2.01 14.95 17.07
C TYR A 62 -0.71 14.98 17.86
N LYS A 63 -0.81 14.73 19.16
CA LYS A 63 0.32 14.88 20.07
C LYS A 63 1.41 13.86 19.79
N ASN A 64 1.02 12.68 19.33
CA ASN A 64 2.01 11.66 18.98
C ASN A 64 1.52 10.69 17.90
N ARG A 65 2.35 9.69 17.61
N ARG A 65 2.34 9.68 17.62
CA ARG A 65 2.05 8.72 16.56
CA ARG A 65 2.04 8.74 16.55
C ARG A 65 0.84 7.87 16.90
C ARG A 65 0.87 7.82 16.89
N VAL A 66 0.74 7.47 18.17
CA VAL A 66 -0.32 6.58 18.61
C VAL A 66 -1.73 7.16 18.44
N GLU A 67 -1.90 8.43 18.77
CA GLU A 67 -3.23 9.04 18.67
C GLU A 67 -3.55 9.47 17.24
N PHE A 68 -2.51 9.64 16.42
CA PHE A 68 -2.75 9.84 15.00
C PHE A 68 -3.35 8.57 14.40
N ASP A 69 -2.75 7.43 14.71
CA ASP A 69 -3.23 6.15 14.22
C ASP A 69 -4.63 5.85 14.75
N SER A 70 -4.87 6.20 16.01
CA SER A 70 -6.17 6.00 16.61
C SER A 70 -7.25 6.71 15.81
N ALA A 71 -6.94 7.91 15.34
CA ALA A 71 -7.87 8.67 14.51
C ALA A 71 -8.13 7.94 13.19
N ILE A 72 -7.10 7.29 12.66
CA ILE A 72 -7.28 6.48 11.48
C ILE A 72 -8.20 5.32 11.82
N ASP A 73 -7.86 4.59 12.88
CA ASP A 73 -8.57 3.38 13.28
C ASP A 73 -10.05 3.63 13.53
N LEU A 74 -10.38 4.77 14.10
CA LEU A 74 -11.78 5.10 14.33
C LEU A 74 -12.55 5.13 13.01
N VAL A 75 -11.95 5.74 11.99
CA VAL A 75 -12.58 5.80 10.67
C VAL A 75 -12.69 4.40 10.05
N LEU A 76 -11.66 3.59 10.24
CA LEU A 76 -11.68 2.20 9.77
C LEU A 76 -12.85 1.44 10.39
N GLU A 77 -13.10 1.69 11.67
CA GLU A 77 -14.21 1.05 12.38
C GLU A 77 -15.56 1.57 11.89
N GLU A 78 -15.63 2.89 11.66
CA GLU A 78 -16.82 3.52 11.13
C GLU A 78 -17.28 2.86 9.82
N PHE A 79 -16.31 2.50 8.97
CA PHE A 79 -16.67 1.91 7.69
C PHE A 79 -16.55 0.40 7.67
N SER A 80 -16.50 -0.21 8.87
N SER A 80 -16.46 -0.21 8.87
CA SER A 80 -16.42 -1.66 9.02
CA SER A 80 -16.42 -1.66 9.02
C SER A 80 -15.37 -2.28 8.07
C SER A 80 -15.35 -2.32 8.14
N ILE A 81 -14.17 -1.71 8.08
CA ILE A 81 -13.09 -2.15 7.19
C ILE A 81 -12.49 -3.51 7.57
N ASP A 82 -12.25 -4.36 6.55
CA ASP A 82 -11.61 -5.67 6.70
C ASP A 82 -10.12 -5.63 6.37
N ILE A 83 -9.78 -4.86 5.36
CA ILE A 83 -8.42 -4.82 4.82
C ILE A 83 -7.99 -3.37 4.60
N VAL A 84 -6.74 -3.07 4.95
CA VAL A 84 -6.16 -1.75 4.71
C VAL A 84 -5.03 -1.85 3.66
N CYS A 85 -5.08 -1.02 2.63
CA CYS A 85 -3.97 -0.90 1.67
C CYS A 85 -3.22 0.42 1.82
N LEU A 86 -1.91 0.36 2.02
CA LEU A 86 -1.10 1.58 2.02
C LEU A 86 -0.62 1.82 0.59
N ALA A 87 -1.09 2.91 -0.01
CA ALA A 87 -0.81 3.15 -1.43
C ALA A 87 -0.13 4.50 -1.59
N GLY A 88 1.18 4.50 -1.45
CA GLY A 88 1.94 5.74 -1.39
C GLY A 88 1.72 6.49 -0.09
N PHE A 89 1.35 5.77 0.95
CA PHE A 89 1.22 6.36 2.29
C PHE A 89 2.61 6.46 2.92
N MET A 90 3.07 7.68 3.17
CA MET A 90 4.45 7.89 3.61
C MET A 90 4.56 8.24 5.09
N ARG A 91 3.77 7.59 5.95
CA ARG A 91 3.90 7.73 7.39
C ARG A 91 4.05 6.39 8.09
N ILE A 92 5.04 6.27 8.98
CA ILE A 92 5.24 5.03 9.74
C ILE A 92 4.15 4.82 10.80
N LEU A 93 3.57 3.62 10.82
CA LEU A 93 2.48 3.29 11.73
C LEU A 93 2.96 2.67 13.05
N SER A 94 2.24 2.93 14.12
CA SER A 94 2.62 2.48 15.46
C SER A 94 2.43 0.98 15.67
N GLY A 95 3.18 0.45 16.62
CA GLY A 95 3.08 -0.95 17.04
C GLY A 95 1.69 -1.50 17.28
N PRO A 96 0.90 -0.86 18.17
CA PRO A 96 -0.45 -1.39 18.45
C PRO A 96 -1.36 -1.37 17.21
N PHE A 97 -1.29 -0.30 16.43
CA PHE A 97 -2.09 -0.22 15.22
C PHE A 97 -1.73 -1.35 14.26
N VAL A 98 -0.43 -1.57 14.07
CA VAL A 98 0.04 -2.63 13.17
C VAL A 98 -0.37 -4.00 13.70
N GLN A 99 -0.27 -4.20 15.01
CA GLN A 99 -0.61 -5.49 15.59
C GLN A 99 -2.10 -5.78 15.46
N LYS A 100 -2.94 -4.76 15.66
CA LYS A 100 -4.37 -4.93 15.49
C LYS A 100 -4.71 -5.40 14.07
N TRP A 101 -4.05 -4.83 13.07
CA TRP A 101 -4.38 -5.11 11.68
C TRP A 101 -3.43 -6.16 11.10
N ASN A 102 -2.75 -6.87 11.99
CA ASN A 102 -1.82 -7.91 11.57
C ASN A 102 -2.49 -8.92 10.64
N GLY A 103 -1.97 -9.04 9.43
CA GLY A 103 -2.53 -9.96 8.47
C GLY A 103 -3.66 -9.37 7.65
N LYS A 104 -3.97 -8.10 7.90
CA LYS A 104 -5.06 -7.42 7.22
C LYS A 104 -4.61 -6.10 6.57
N MET A 105 -3.31 -5.83 6.55
CA MET A 105 -2.83 -4.57 6.02
C MET A 105 -1.69 -4.81 5.05
N LEU A 106 -1.83 -4.25 3.84
CA LEU A 106 -0.88 -4.47 2.76
C LEU A 106 -0.17 -3.18 2.39
N ASN A 107 1.07 -3.30 1.92
CA ASN A 107 1.82 -2.14 1.47
C ASN A 107 2.52 -2.46 0.15
N ILE A 108 2.61 -1.48 -0.75
CA ILE A 108 3.44 -1.59 -1.94
C ILE A 108 4.76 -0.84 -1.76
N HIS A 109 5.85 -1.48 -2.16
CA HIS A 109 7.17 -0.89 -1.97
C HIS A 109 7.95 -1.03 -3.27
N PRO A 110 8.58 0.07 -3.75
CA PRO A 110 9.21 0.04 -5.08
C PRO A 110 10.63 -0.53 -5.07
N SER A 111 10.82 -1.68 -4.42
CA SER A 111 12.04 -2.45 -4.63
C SER A 111 11.70 -3.94 -4.51
N LEU A 112 12.66 -4.79 -4.84
CA LEU A 112 12.52 -6.21 -4.52
C LEU A 112 13.04 -6.41 -3.12
N LEU A 113 12.15 -6.31 -2.14
CA LEU A 113 12.54 -6.59 -0.75
C LEU A 113 13.15 -7.98 -0.72
N PRO A 114 14.18 -8.19 0.12
CA PRO A 114 14.62 -7.28 1.18
C PRO A 114 15.64 -6.20 0.77
N SER A 115 15.96 -6.05 -0.51
CA SER A 115 16.83 -4.95 -0.93
C SER A 115 16.13 -3.59 -0.79
N PHE A 116 16.89 -2.56 -0.40
CA PHE A 116 16.47 -1.15 -0.49
C PHE A 116 15.20 -0.83 0.29
N LYS A 117 15.20 -1.15 1.57
CA LYS A 117 14.12 -0.76 2.47
C LYS A 117 14.16 0.74 2.66
N GLY A 118 13.02 1.34 3.00
CA GLY A 118 13.02 2.76 3.31
C GLY A 118 12.29 3.62 2.29
N SER A 119 12.40 4.93 2.43
CA SER A 119 11.56 5.84 1.67
C SER A 119 12.13 6.27 0.30
N ASN A 120 13.40 5.94 0.06
CA ASN A 120 14.06 6.32 -1.19
C ASN A 120 14.62 5.11 -1.96
N ALA A 121 13.80 4.11 -2.18
CA ALA A 121 14.28 2.87 -2.78
C ALA A 121 14.96 3.09 -4.13
N HIS A 122 14.39 3.95 -4.98
CA HIS A 122 14.94 4.14 -6.33
C HIS A 122 16.33 4.78 -6.26
N GLU A 123 16.47 5.79 -5.39
CA GLU A 123 17.78 6.40 -5.20
C GLU A 123 18.82 5.34 -4.80
N GLN A 124 18.43 4.46 -3.89
CA GLN A 124 19.32 3.41 -3.42
C GLN A 124 19.68 2.44 -4.55
N ALA A 125 18.67 2.04 -5.31
CA ALA A 125 18.88 1.08 -6.38
C ALA A 125 19.85 1.67 -7.40
N LEU A 126 19.68 2.95 -7.71
CA LEU A 126 20.55 3.61 -8.69
C LEU A 126 21.96 3.77 -8.11
N GLU A 127 22.06 4.15 -6.84
CA GLU A 127 23.39 4.34 -6.24
C GLU A 127 24.15 3.01 -6.20
N THR A 128 23.45 1.93 -5.88
CA THR A 128 24.05 0.61 -5.78
C THR A 128 24.46 0.03 -7.14
N GLY A 129 23.72 0.37 -8.18
CA GLY A 129 24.07 -0.06 -9.52
C GLY A 129 23.45 -1.38 -9.96
N VAL A 130 22.33 -1.77 -9.36
CA VAL A 130 21.66 -2.99 -9.79
C VAL A 130 21.18 -2.81 -11.22
N THR A 131 21.06 -3.90 -11.96
CA THR A 131 20.46 -3.82 -13.29
C THR A 131 19.02 -4.38 -13.27
N VAL A 132 18.65 -4.97 -12.14
CA VAL A 132 17.29 -5.47 -11.92
C VAL A 132 16.76 -4.93 -10.58
N THR A 133 15.65 -4.20 -10.64
CA THR A 133 14.97 -3.81 -9.42
C THR A 133 13.54 -4.35 -9.55
N GLY A 134 12.58 -3.74 -8.89
CA GLY A 134 11.21 -4.19 -9.01
C GLY A 134 10.35 -3.62 -7.91
N CYS A 135 9.23 -4.28 -7.61
CA CYS A 135 8.36 -3.81 -6.56
C CYS A 135 7.81 -4.99 -5.78
N THR A 136 7.35 -4.72 -4.57
CA THR A 136 6.91 -5.76 -3.65
C THR A 136 5.60 -5.38 -2.98
N VAL A 137 4.64 -6.29 -2.95
CA VAL A 137 3.52 -6.10 -2.04
C VAL A 137 3.72 -7.04 -0.85
N HIS A 138 3.61 -6.51 0.36
CA HIS A 138 3.82 -7.30 1.56
C HIS A 138 2.81 -6.93 2.65
N PHE A 139 2.58 -7.87 3.55
CA PHE A 139 1.84 -7.55 4.78
C PHE A 139 2.68 -6.59 5.62
N VAL A 140 2.01 -5.66 6.28
CA VAL A 140 2.71 -4.70 7.13
C VAL A 140 2.96 -5.29 8.52
N ALA A 141 4.23 -5.31 8.91
CA ALA A 141 4.64 -5.74 10.24
C ALA A 141 5.23 -4.52 10.96
N GLU A 142 5.57 -4.67 12.23
CA GLU A 142 6.00 -3.51 13.01
C GLU A 142 7.28 -2.93 12.41
N ASP A 143 8.24 -3.78 12.11
N ASP A 143 8.23 -3.78 12.09
CA ASP A 143 9.46 -3.31 11.45
CA ASP A 143 9.46 -3.37 11.43
C ASP A 143 9.21 -2.98 9.99
C ASP A 143 9.17 -2.97 9.98
N VAL A 144 9.62 -1.78 9.60
CA VAL A 144 9.29 -1.23 8.28
C VAL A 144 9.83 -2.08 7.11
N ASP A 145 8.96 -2.38 6.14
CA ASP A 145 9.31 -3.15 4.93
C ASP A 145 9.90 -4.53 5.24
N ALA A 146 9.46 -5.13 6.34
CA ALA A 146 9.98 -6.42 6.80
C ALA A 146 8.89 -7.48 6.91
N GLY A 147 7.64 -7.10 6.66
CA GLY A 147 6.53 -8.04 6.74
C GLY A 147 6.53 -9.08 5.63
N GLN A 148 5.64 -10.06 5.72
CA GLN A 148 5.65 -11.18 4.80
C GLN A 148 5.26 -10.77 3.38
N ILE A 149 6.06 -11.23 2.43
CA ILE A 149 5.94 -10.88 1.01
C ILE A 149 4.79 -11.63 0.37
N ILE A 150 3.92 -10.90 -0.32
CA ILE A 150 2.81 -11.52 -1.03
C ILE A 150 3.10 -11.72 -2.52
N LEU A 151 3.44 -10.63 -3.23
CA LEU A 151 3.82 -10.70 -4.64
C LEU A 151 5.00 -9.78 -4.90
N GLN A 152 5.78 -10.09 -5.93
CA GLN A 152 6.84 -9.19 -6.41
C GLN A 152 6.88 -9.25 -7.91
N GLU A 153 7.41 -8.20 -8.53
CA GLU A 153 7.65 -8.21 -9.96
C GLU A 153 8.96 -7.50 -10.25
N ALA A 154 9.84 -8.15 -11.00
CA ALA A 154 11.12 -7.55 -11.38
C ALA A 154 10.96 -6.55 -12.53
N VAL A 155 11.78 -5.52 -12.53
CA VAL A 155 11.75 -4.44 -13.51
C VAL A 155 13.19 -4.09 -13.83
N PRO A 156 13.55 -4.05 -15.12
CA PRO A 156 14.95 -3.73 -15.45
C PRO A 156 15.34 -2.28 -15.17
N VAL A 157 16.59 -2.07 -14.80
CA VAL A 157 17.17 -0.72 -14.74
C VAL A 157 17.90 -0.51 -16.05
N LYS A 158 17.60 0.59 -16.74
CA LYS A 158 18.29 0.92 -17.96
C LYS A 158 19.45 1.88 -17.70
N ARG A 159 20.52 1.74 -18.48
N ARG A 159 20.52 1.76 -18.45
CA ARG A 159 21.62 2.69 -18.48
CA ARG A 159 21.65 2.65 -18.28
C ARG A 159 21.08 4.11 -18.55
C ARG A 159 21.23 4.08 -18.58
N GLY A 160 21.55 4.99 -17.67
CA GLY A 160 21.13 6.37 -17.74
C GLY A 160 19.83 6.66 -17.01
N ASP A 161 19.23 5.64 -16.39
CA ASP A 161 18.00 5.86 -15.62
C ASP A 161 18.18 6.91 -14.54
N THR A 162 17.10 7.63 -14.27
CA THR A 162 16.99 8.52 -13.13
C THR A 162 15.87 8.04 -12.25
N VAL A 163 15.68 8.65 -11.08
CA VAL A 163 14.51 8.35 -10.25
C VAL A 163 13.24 8.55 -11.10
N ALA A 164 13.21 9.61 -11.90
CA ALA A 164 12.04 9.86 -12.75
C ALA A 164 11.73 8.71 -13.72
N THR A 165 12.74 8.24 -14.46
CA THR A 165 12.44 7.24 -15.50
C THR A 165 12.31 5.84 -14.89
N LEU A 166 13.08 5.58 -13.85
CA LEU A 166 12.98 4.27 -13.20
C LEU A 166 11.66 4.10 -12.43
N SER A 167 11.24 5.14 -11.69
N SER A 167 11.24 5.13 -11.70
CA SER A 167 9.98 5.07 -10.95
CA SER A 167 9.99 5.07 -10.95
C SER A 167 8.79 4.92 -11.90
C SER A 167 8.79 4.92 -11.89
N GLU A 168 8.88 5.55 -13.05
CA GLU A 168 7.86 5.41 -14.07
C GLU A 168 7.71 3.96 -14.53
N ARG A 169 8.85 3.32 -14.81
CA ARG A 169 8.83 1.93 -15.25
C ARG A 169 8.31 1.01 -14.13
N VAL A 170 8.78 1.25 -12.90
CA VAL A 170 8.42 0.38 -11.80
C VAL A 170 6.93 0.57 -11.45
N LYS A 171 6.40 1.78 -11.61
CA LYS A 171 4.98 2.00 -11.34
C LYS A 171 4.08 1.13 -12.23
N LEU A 172 4.51 0.86 -13.47
CA LEU A 172 3.71 -0.01 -14.33
C LEU A 172 3.53 -1.41 -13.69
N ALA A 173 4.58 -1.88 -13.03
CA ALA A 173 4.52 -3.18 -12.35
C ALA A 173 3.73 -3.10 -11.04
N GLU A 174 3.90 -2.01 -10.31
CA GLU A 174 3.11 -1.79 -9.10
C GLU A 174 1.61 -1.87 -9.40
N HIS A 175 1.20 -1.30 -10.52
CA HIS A 175 -0.21 -1.25 -10.89
C HIS A 175 -0.76 -2.63 -11.27
N LYS A 176 0.14 -3.56 -11.51
CA LYS A 176 -0.24 -4.96 -11.73
C LYS A 176 -0.27 -5.76 -10.44
N ILE A 177 0.80 -5.73 -9.65
CA ILE A 177 0.81 -6.63 -8.51
C ILE A 177 0.03 -6.12 -7.30
N PHE A 178 -0.14 -4.80 -7.14
CA PHE A 178 -0.95 -4.38 -5.97
C PHE A 178 -2.40 -4.89 -6.10
N PRO A 179 -3.07 -4.64 -7.24
CA PRO A 179 -4.42 -5.20 -7.34
C PRO A 179 -4.47 -6.72 -7.28
N ALA A 180 -3.47 -7.40 -7.86
CA ALA A 180 -3.47 -8.86 -7.79
C ALA A 180 -3.37 -9.33 -6.33
N ALA A 181 -2.48 -8.69 -5.57
CA ALA A 181 -2.26 -9.06 -4.17
C ALA A 181 -3.51 -8.78 -3.35
N LEU A 182 -4.14 -7.64 -3.59
CA LEU A 182 -5.38 -7.33 -2.86
C LEU A 182 -6.43 -8.40 -3.10
N GLN A 183 -6.58 -8.81 -4.37
CA GLN A 183 -7.57 -9.84 -4.70
C GLN A 183 -7.24 -11.17 -4.00
N LEU A 184 -5.96 -11.52 -3.92
CA LEU A 184 -5.56 -12.77 -3.25
C LEU A 184 -5.91 -12.76 -1.78
N VAL A 185 -5.75 -11.62 -1.13
CA VAL A 185 -6.03 -11.52 0.30
C VAL A 185 -7.52 -11.40 0.53
N ALA A 186 -8.20 -10.57 -0.29
CA ALA A 186 -9.63 -10.39 -0.09
C ALA A 186 -10.45 -11.64 -0.39
N SER A 187 -9.97 -12.48 -1.30
N SER A 187 -9.96 -12.49 -1.29
CA SER A 187 -10.68 -13.72 -1.63
CA SER A 187 -10.67 -13.73 -1.62
C SER A 187 -10.38 -14.82 -0.60
C SER A 187 -10.38 -14.82 -0.60
N GLY A 188 -9.41 -14.57 0.27
CA GLY A 188 -9.01 -15.56 1.27
C GLY A 188 -8.02 -16.58 0.72
N THR A 189 -7.54 -16.34 -0.50
CA THR A 189 -6.59 -17.27 -1.13
C THR A 189 -5.22 -17.24 -0.45
N VAL A 190 -4.84 -16.06 0.02
CA VAL A 190 -3.57 -15.88 0.71
C VAL A 190 -3.87 -15.28 2.06
N GLN A 191 -3.24 -15.80 3.12
CA GLN A 191 -3.36 -15.21 4.43
C GLN A 191 -2.03 -15.28 5.14
N LEU A 192 -1.88 -14.45 6.17
CA LEU A 192 -0.77 -14.57 7.08
C LEU A 192 -1.03 -15.77 7.98
N GLY A 193 -0.22 -16.81 7.86
CA GLY A 193 -0.43 -18.02 8.65
C GLY A 193 -0.13 -17.82 10.13
N GLU A 194 -0.59 -18.75 10.96
CA GLU A 194 -0.36 -18.69 12.41
C GLU A 194 1.13 -18.62 12.76
N ASN A 195 1.95 -19.32 11.97
CA ASN A 195 3.40 -19.33 12.17
C ASN A 195 4.05 -18.07 11.61
N GLY A 196 3.22 -17.15 11.13
CA GLY A 196 3.70 -15.87 10.64
C GLY A 196 4.08 -15.86 9.17
N LYS A 197 4.28 -17.03 8.57
CA LYS A 197 4.66 -17.12 7.16
C LYS A 197 3.43 -17.06 6.26
N ILE A 198 3.64 -16.74 4.98
CA ILE A 198 2.55 -16.69 4.00
C ILE A 198 1.89 -18.06 3.81
N CYS A 199 0.56 -18.10 3.89
CA CYS A 199 -0.17 -19.33 3.67
C CYS A 199 -1.07 -19.21 2.44
N TRP A 200 -0.85 -20.08 1.46
CA TRP A 200 -1.70 -20.14 0.26
C TRP A 200 -2.80 -21.19 0.45
N VAL A 201 -4.02 -20.74 0.71
CA VAL A 201 -5.18 -21.62 0.81
C VAL A 201 -5.88 -21.79 -0.54
C1 GAR B . 4.69 4.26 -5.24
O6 GAR B . 5.67 4.10 -6.27
C2 GAR B . 5.11 3.44 -4.05
O8 GAR B . 5.83 2.28 -4.46
C3 GAR B . 6.01 4.42 -3.29
O4 GAR B . 5.36 5.68 -3.47
C5 GAR B . 4.71 5.70 -4.75
C10 GAR B . 3.30 6.27 -4.66
O12 GAR B . 2.75 6.45 -5.97
N19 GAR B . 6.15 4.06 -1.89
C21 GAR B . 7.33 4.22 -1.28
O22 GAR B . 8.33 4.63 -1.85
C23 GAR B . 7.37 3.85 0.19
N24 GAR B . 6.62 2.64 0.44
P15 GAR B . 1.18 6.73 -6.18
O16 GAR B . 1.08 7.16 -7.63
O17 GAR B . 0.82 7.83 -5.19
O18 GAR B . 0.53 5.41 -5.85
C13 3YA C . 9.83 5.64 6.10
C14 3YA C . 8.08 6.93 5.05
C16 3YA C . 7.79 5.85 4.23
N1 3YA C . 4.67 1.22 9.24
C2 3YA C . 5.13 0.08 9.77
N3 3YA C . 5.62 -0.91 9.02
C4 3YA C . 5.71 -0.82 7.68
S5 3YA C . 4.25 2.59 6.96
C6 3YA C . 4.71 1.90 5.48
C7 3YA C . 5.23 0.64 5.69
C8 3YA C . 5.25 0.32 7.04
C9 3YA C . 4.76 1.28 7.90
O10 3YA C . 6.18 -1.78 7.05
N11 3YA C . 5.08 -0.09 11.18
C12 3YA C . 9.10 6.82 5.98
C17 3YA C . 9.41 8.02 6.90
O18 3YA C . 9.92 9.02 6.45
N19 3YA C . 9.07 7.88 8.27
C20 3YA C . 9.30 8.94 9.19
C21 3YA C . 8.04 9.12 10.02
C22 3YA C . 6.90 9.41 9.08
C23 3YA C . 7.29 10.60 8.21
O24 3YA C . 7.44 10.46 6.97
O25 3YA C . 7.47 11.72 8.74
C26 3YA C . 10.51 8.69 10.07
O27 3YA C . 10.60 7.61 10.73
O28 3YA C . 11.43 9.54 10.13
C29 3YA C . 4.53 2.58 4.15
C30 3YA C . 5.73 3.47 3.88
C31 3YA C . 7.00 2.64 3.89
C32 3YA C . 8.19 3.49 3.46
C33 3YA C . 8.52 4.67 4.34
C15 3YA C . 9.53 4.56 5.29
#